data_2AAB
#
_entry.id   2AAB
#
_cell.length_a   75.050
_cell.length_b   76.890
_cell.length_c   82.180
_cell.angle_alpha   90.00
_cell.angle_beta   90.00
_cell.angle_gamma   90.00
#
_symmetry.space_group_name_H-M   'P 21 21 21'
#
loop_
_entity.id
_entity.type
_entity.pdbx_description
1 polymer 'anti-idiotypic monoclonal antibody (light chain)'
2 polymer 'anti-idiotypic monoclonal antibody (heavy chain)'
3 water water
#
loop_
_entity_poly.entity_id
_entity_poly.type
_entity_poly.pdbx_seq_one_letter_code
_entity_poly.pdbx_strand_id
1 'polypeptide(L)'
;DIQLTQSPASLAVSLGQRVTISCRASESVEYYGSSLMQWYQQKPGQPPKLLIYAASNVESGVPARFSGSGSGTDFSLNIH
PVEEDDIAMYFCQQSRKIPYTFGGGTKLEIKRADAAPTVSIFPPSSEQLTSGGASVVCFLNNFYPKDINVKWKIDGSERQ
NGVLNSWTDQDSKDSTYSMSSTLTLTKDEYERHNSYTCEATHKTSTSPIVKSFNRGEC
;
L
2 'polypeptide(L)'
;DVQLVESGGGLVQPGGSRKLSCAASGFTFSSFGMHWVRQAPEKGLEWVAYISSDSSNIYYADTVKGRFTISRDNPKNTLF
LQMTSLRSEDTAMYYCARSNYVGYHVRWYFDVWGAGTTVTVSSAKTTPPSVYPLAPGSAAQTNSMVTLGCLVKGYFPEPV
TVTWNSGSLSSGVHTFPAVLQSDLYTLSSSVTVPSSTWPSETVTCNVAHPASSTKVDKKIVPRDCGCKPCICTVPEVSSV
FIF
;
H
#
# COMPACT_ATOMS: atom_id res chain seq x y z
N ASP A 1 24.73 -8.53 -4.46
CA ASP A 1 23.93 -7.95 -5.58
C ASP A 1 24.19 -6.46 -5.68
N ILE A 2 23.65 -5.83 -6.72
CA ILE A 2 23.82 -4.40 -6.90
C ILE A 2 22.70 -3.69 -6.15
N GLN A 3 23.08 -2.87 -5.17
CA GLN A 3 22.12 -2.12 -4.37
C GLN A 3 21.80 -0.78 -5.01
N LEU A 4 20.52 -0.43 -5.03
CA LEU A 4 20.10 0.84 -5.59
C LEU A 4 19.48 1.68 -4.48
N THR A 5 20.09 2.83 -4.21
CA THR A 5 19.61 3.72 -3.16
C THR A 5 19.00 4.99 -3.76
N GLN A 6 17.71 5.17 -3.55
CA GLN A 6 17.03 6.35 -4.06
C GLN A 6 16.85 7.37 -2.96
N SER A 7 16.87 8.64 -3.34
CA SER A 7 16.71 9.71 -2.38
C SER A 7 16.18 10.96 -3.08
N PRO A 8 15.28 11.69 -2.41
CA PRO A 8 14.77 11.38 -1.07
C PRO A 8 13.77 10.22 -1.14
N ALA A 9 13.35 9.73 0.03
CA ALA A 9 12.38 8.65 0.07
C ALA A 9 11.04 9.23 -0.38
N SER A 10 10.89 10.55 -0.19
CA SER A 10 9.67 11.24 -0.58
C SER A 10 9.98 12.72 -0.77
N LEU A 11 9.30 13.35 -1.71
CA LEU A 11 9.51 14.76 -2.01
C LEU A 11 8.18 15.49 -2.19
N ALA A 12 8.02 16.63 -1.52
CA ALA A 12 6.80 17.42 -1.64
C ALA A 12 7.02 18.51 -2.67
N VAL A 13 6.20 18.52 -3.72
CA VAL A 13 6.37 19.51 -4.76
C VAL A 13 5.15 20.36 -5.07
N SER A 14 5.41 21.48 -5.73
CA SER A 14 4.36 22.38 -6.15
C SER A 14 4.27 22.18 -7.66
N LEU A 15 3.06 21.92 -8.16
CA LEU A 15 2.90 21.74 -9.58
C LEU A 15 3.48 22.98 -10.28
N GLY A 16 4.21 22.75 -11.37
CA GLY A 16 4.82 23.86 -12.10
C GLY A 16 6.30 23.98 -11.81
N GLN A 17 6.74 23.43 -10.68
CA GLN A 17 8.16 23.49 -10.30
C GLN A 17 8.97 22.37 -10.94
N ARG A 18 10.29 22.44 -10.81
CA ARG A 18 11.17 21.42 -11.36
C ARG A 18 11.38 20.38 -10.27
N VAL A 19 11.63 19.14 -10.69
CA VAL A 19 11.84 18.07 -9.73
C VAL A 19 13.01 17.20 -10.17
N THR A 20 13.86 16.82 -9.21
CA THR A 20 14.99 15.97 -9.53
C THR A 20 15.29 15.01 -8.38
N ILE A 21 15.16 13.72 -8.68
CA ILE A 21 15.41 12.67 -7.71
C ILE A 21 16.58 11.83 -8.22
N SER A 22 17.39 11.33 -7.30
CA SER A 22 18.55 10.56 -7.69
C SER A 22 18.51 9.09 -7.32
N CYS A 23 19.34 8.31 -8.01
CA CYS A 23 19.48 6.89 -7.76
C CYS A 23 20.95 6.48 -7.84
N ARG A 24 21.46 5.91 -6.76
CA ARG A 24 22.87 5.48 -6.72
C ARG A 24 23.01 3.97 -6.65
N ALA A 25 24.03 3.43 -7.31
CA ALA A 25 24.26 1.99 -7.32
C ALA A 25 25.49 1.64 -6.50
N SER A 26 25.42 0.53 -5.77
CA SER A 26 26.52 0.07 -4.93
C SER A 26 27.68 -0.43 -5.79
N GLU A 27 27.42 -0.56 -7.08
CA GLU A 27 28.41 -1.03 -8.06
C GLU A 27 28.08 -0.33 -9.36
N SER A 28 28.97 -0.40 -10.34
CA SER A 28 28.70 0.24 -11.61
C SER A 28 27.70 -0.60 -12.43
N VAL A 29 26.87 0.09 -13.20
CA VAL A 29 25.89 -0.57 -14.04
C VAL A 29 26.20 -0.19 -15.48
N GLU A 30 27.40 0.32 -15.69
CA GLU A 30 27.86 0.73 -17.02
C GLU A 30 28.31 -0.53 -17.77
N TYR A 31 27.98 -0.62 -19.05
CA TYR A 31 28.39 -1.78 -19.83
C TYR A 31 28.79 -1.38 -21.25
N TYR A 32 30.08 -1.50 -21.54
CA TYR A 32 30.60 -1.16 -22.87
C TYR A 32 29.95 0.10 -23.43
N GLY A 33 30.15 1.21 -22.75
CA GLY A 33 29.63 2.49 -23.21
C GLY A 33 28.17 2.80 -23.00
N SER A 34 27.54 2.12 -22.05
CA SER A 34 26.12 2.38 -21.81
C SER A 34 25.71 1.95 -20.41
N SER A 35 24.84 2.76 -19.81
CA SER A 35 24.35 2.47 -18.48
C SER A 35 23.08 1.66 -18.62
N LEU A 36 22.95 0.61 -17.81
CA LEU A 36 21.78 -0.25 -17.89
C LEU A 36 20.86 0.01 -16.71
N MET A 37 20.41 1.26 -16.60
CA MET A 37 19.55 1.68 -15.52
C MET A 37 18.23 2.20 -16.09
N GLN A 38 17.12 1.88 -15.42
CA GLN A 38 15.81 2.34 -15.88
C GLN A 38 15.00 3.04 -14.80
N TRP A 39 14.03 3.83 -15.25
CA TRP A 39 13.16 4.53 -14.32
C TRP A 39 11.73 4.09 -14.59
N TYR A 40 11.00 3.75 -13.53
CA TYR A 40 9.59 3.35 -13.65
C TYR A 40 8.74 4.14 -12.66
N GLN A 41 7.57 4.60 -13.10
CA GLN A 41 6.68 5.29 -12.19
C GLN A 41 5.55 4.30 -11.89
N GLN A 42 4.93 4.43 -10.73
CA GLN A 42 3.84 3.54 -10.36
C GLN A 42 2.86 4.32 -9.50
N LYS A 43 1.58 4.15 -9.83
CA LYS A 43 0.51 4.81 -9.08
C LYS A 43 -0.19 3.76 -8.24
N PRO A 44 -0.77 4.16 -7.11
CA PRO A 44 -1.46 3.21 -6.23
C PRO A 44 -2.25 2.14 -6.97
N GLY A 45 -2.20 0.91 -6.45
CA GLY A 45 -2.91 -0.20 -7.06
C GLY A 45 -2.84 -0.24 -8.58
N GLN A 46 -1.62 -0.23 -9.11
CA GLN A 46 -1.47 -0.25 -10.56
C GLN A 46 -0.07 -0.73 -10.89
N PRO A 47 0.11 -1.31 -12.10
CA PRO A 47 1.40 -1.82 -12.55
C PRO A 47 2.43 -0.74 -12.93
N PRO A 48 3.73 -1.01 -12.71
CA PRO A 48 4.75 -0.02 -13.04
C PRO A 48 4.66 0.40 -14.51
N LYS A 49 5.11 1.61 -14.80
CA LYS A 49 5.10 2.10 -16.16
C LYS A 49 6.51 2.58 -16.52
N LEU A 50 7.02 2.13 -17.67
CA LEU A 50 8.36 2.50 -18.14
C LEU A 50 8.43 3.98 -18.56
N LEU A 51 9.46 4.68 -18.10
CA LEU A 51 9.64 6.09 -18.45
C LEU A 51 10.95 6.32 -19.16
N ILE A 52 12.00 5.72 -18.63
CA ILE A 52 13.33 5.87 -19.19
C ILE A 52 14.10 4.57 -19.13
N TYR A 53 14.85 4.28 -20.18
CA TYR A 53 15.68 3.08 -20.23
C TYR A 53 17.07 3.50 -20.68
N ALA A 54 18.08 2.75 -20.24
CA ALA A 54 19.46 3.05 -20.59
C ALA A 54 19.84 4.44 -20.08
N ALA A 55 19.36 4.77 -18.88
CA ALA A 55 19.67 6.03 -18.21
C ALA A 55 19.11 7.32 -18.80
N SER A 56 19.25 7.52 -20.11
CA SER A 56 18.79 8.75 -20.73
C SER A 56 17.73 8.62 -21.82
N ASN A 57 17.47 7.39 -22.26
CA ASN A 57 16.46 7.16 -23.31
C ASN A 57 15.03 7.25 -22.82
N VAL A 58 14.31 8.22 -23.35
CA VAL A 58 12.93 8.47 -22.97
C VAL A 58 11.96 7.61 -23.79
N GLU A 59 11.42 6.58 -23.14
CA GLU A 59 10.46 5.67 -23.78
C GLU A 59 9.43 6.45 -24.59
N SER A 60 9.00 5.88 -25.70
CA SER A 60 8.02 6.55 -26.54
C SER A 60 6.67 6.62 -25.88
N GLY A 61 6.12 7.83 -25.79
CA GLY A 61 4.82 8.01 -25.18
C GLY A 61 4.87 8.89 -23.95
N VAL A 62 6.02 8.95 -23.29
CA VAL A 62 6.13 9.78 -22.08
C VAL A 62 6.52 11.21 -22.43
N PRO A 63 5.82 12.19 -21.84
CA PRO A 63 6.05 13.62 -22.06
C PRO A 63 7.52 14.04 -22.06
N ALA A 64 7.79 15.22 -22.61
CA ALA A 64 9.15 15.75 -22.69
C ALA A 64 9.56 16.38 -21.36
N ARG A 65 8.59 16.63 -20.50
CA ARG A 65 8.86 17.23 -19.20
C ARG A 65 9.77 16.28 -18.42
N PHE A 66 9.82 15.03 -18.91
CA PHE A 66 10.63 13.98 -18.29
C PHE A 66 11.96 13.86 -19.03
N SER A 67 13.01 13.52 -18.29
CA SER A 67 14.33 13.34 -18.88
C SER A 67 15.19 12.65 -17.84
N GLY A 68 16.15 11.85 -18.29
CA GLY A 68 17.02 11.15 -17.37
C GLY A 68 18.46 11.27 -17.77
N SER A 69 19.37 11.17 -16.81
CA SER A 69 20.80 11.27 -17.11
C SER A 69 21.63 10.63 -16.01
N GLY A 70 22.93 10.51 -16.27
CA GLY A 70 23.83 9.91 -15.31
C GLY A 70 24.58 8.75 -15.93
N SER A 71 25.41 8.09 -15.14
CA SER A 71 26.17 6.92 -15.59
C SER A 71 27.03 6.40 -14.44
N GLY A 72 27.74 5.30 -14.66
CA GLY A 72 28.54 4.76 -13.58
C GLY A 72 27.68 4.23 -12.46
N THR A 73 27.50 5.04 -11.42
CA THR A 73 26.67 4.62 -10.29
C THR A 73 25.57 5.65 -10.00
N ASP A 74 25.80 6.89 -10.40
CA ASP A 74 24.83 7.94 -10.16
C ASP A 74 23.91 8.24 -11.33
N PHE A 75 22.61 8.27 -11.05
CA PHE A 75 21.63 8.56 -12.06
C PHE A 75 20.59 9.47 -11.45
N SER A 76 19.73 10.04 -12.29
CA SER A 76 18.70 10.92 -11.78
C SER A 76 17.62 11.19 -12.82
N LEU A 77 16.38 11.31 -12.35
CA LEU A 77 15.25 11.57 -13.21
C LEU A 77 14.86 13.02 -13.02
N ASN A 78 14.50 13.69 -14.11
CA ASN A 78 14.13 15.09 -14.04
C ASN A 78 12.79 15.39 -14.68
N ILE A 79 11.89 16.00 -13.92
CA ILE A 79 10.59 16.38 -14.43
C ILE A 79 10.65 17.88 -14.23
N HIS A 80 10.85 18.63 -15.30
CA HIS A 80 10.92 20.07 -15.11
C HIS A 80 9.53 20.55 -14.78
N PRO A 81 8.67 20.79 -15.79
CA PRO A 81 7.36 21.24 -15.30
C PRO A 81 6.59 20.03 -14.76
N VAL A 82 6.68 19.80 -13.46
CA VAL A 82 5.97 18.68 -12.85
C VAL A 82 4.48 19.00 -12.86
N GLU A 83 3.65 18.04 -13.24
CA GLU A 83 2.22 18.30 -13.24
C GLU A 83 1.43 17.25 -12.48
N GLU A 84 0.12 17.45 -12.42
CA GLU A 84 -0.80 16.57 -11.72
C GLU A 84 -0.54 15.08 -11.92
N ASP A 85 -0.47 14.64 -13.17
CA ASP A 85 -0.25 13.23 -13.49
C ASP A 85 1.05 12.64 -12.99
N ASP A 86 2.00 13.49 -12.65
CA ASP A 86 3.30 12.99 -12.19
C ASP A 86 3.35 12.58 -10.72
N ILE A 87 2.34 12.96 -9.96
CA ILE A 87 2.30 12.60 -8.54
C ILE A 87 2.18 11.09 -8.46
N ALA A 88 3.27 10.44 -8.09
CA ALA A 88 3.28 8.98 -8.01
C ALA A 88 4.60 8.51 -7.42
N MET A 89 4.83 7.21 -7.48
CA MET A 89 6.06 6.64 -6.97
C MET A 89 7.00 6.43 -8.16
N TYR A 90 8.30 6.60 -7.92
CA TYR A 90 9.27 6.40 -8.97
C TYR A 90 10.31 5.37 -8.52
N PHE A 91 10.52 4.35 -9.34
CA PHE A 91 11.49 3.32 -9.01
C PHE A 91 12.70 3.35 -9.89
N CYS A 92 13.80 2.91 -9.30
CA CYS A 92 15.09 2.82 -9.97
C CYS A 92 15.25 1.32 -10.29
N GLN A 93 15.75 0.99 -11.48
CA GLN A 93 15.91 -0.42 -11.88
C GLN A 93 17.11 -0.65 -12.81
N GLN A 94 17.98 -1.57 -12.43
CA GLN A 94 19.17 -1.90 -13.22
C GLN A 94 19.04 -3.25 -13.94
N SER A 95 19.81 -3.43 -15.01
CA SER A 95 19.77 -4.69 -15.77
C SER A 95 21.17 -5.25 -15.99
N ARG A 96 22.13 -4.81 -15.18
CA ARG A 96 23.52 -5.23 -15.30
C ARG A 96 23.85 -6.63 -14.79
N LYS A 97 23.58 -6.87 -13.51
CA LYS A 97 23.85 -8.18 -12.92
C LYS A 97 22.57 -8.84 -12.42
N ILE A 98 22.64 -10.14 -12.18
CA ILE A 98 21.50 -10.88 -11.66
C ILE A 98 21.82 -11.19 -10.20
N PRO A 99 20.85 -11.05 -9.28
CA PRO A 99 19.47 -10.62 -9.50
C PRO A 99 19.32 -9.17 -9.95
N TYR A 100 18.32 -8.94 -10.78
CA TYR A 100 18.05 -7.61 -11.27
C TYR A 100 17.28 -6.91 -10.15
N THR A 101 17.84 -5.81 -9.67
CA THR A 101 17.24 -5.09 -8.56
C THR A 101 16.60 -3.74 -8.84
N PHE A 102 15.71 -3.35 -7.93
CA PHE A 102 15.01 -2.06 -8.00
C PHE A 102 15.34 -1.25 -6.77
N GLY A 103 15.32 0.06 -6.91
CA GLY A 103 15.57 0.92 -5.77
C GLY A 103 14.34 0.94 -4.86
N GLY A 104 14.48 1.49 -3.68
CA GLY A 104 13.37 1.54 -2.73
C GLY A 104 12.25 2.48 -3.13
N GLY A 105 12.48 3.26 -4.19
CA GLY A 105 11.47 4.17 -4.67
C GLY A 105 11.46 5.53 -3.99
N THR A 106 10.95 6.53 -4.71
CA THR A 106 10.82 7.90 -4.23
C THR A 106 9.39 8.34 -4.54
N LYS A 107 8.65 8.73 -3.50
CA LYS A 107 7.28 9.16 -3.68
C LYS A 107 7.14 10.68 -3.73
N LEU A 108 6.60 11.18 -4.84
CA LEU A 108 6.38 12.61 -4.99
C LEU A 108 4.99 12.86 -4.44
N GLU A 109 4.88 13.85 -3.56
CA GLU A 109 3.61 14.18 -2.94
C GLU A 109 3.37 15.67 -3.17
N ILE A 110 2.11 16.09 -3.02
CA ILE A 110 1.79 17.49 -3.21
C ILE A 110 2.21 18.31 -1.97
N LYS A 111 3.01 19.35 -2.20
CA LYS A 111 3.46 20.24 -1.13
C LYS A 111 2.21 21.03 -0.75
N ARG A 112 2.03 21.23 0.54
CA ARG A 112 0.84 21.91 1.04
C ARG A 112 1.21 22.68 2.30
N ALA A 113 0.29 23.51 2.79
CA ALA A 113 0.56 24.25 4.01
C ALA A 113 0.33 23.34 5.20
N ASP A 114 1.15 23.50 6.22
CA ASP A 114 1.04 22.70 7.43
C ASP A 114 -0.37 22.69 7.99
N ALA A 115 -0.73 21.57 8.61
CA ALA A 115 -2.04 21.41 9.22
C ALA A 115 -1.94 20.46 10.41
N ALA A 116 -2.56 20.85 11.52
CA ALA A 116 -2.55 20.04 12.74
C ALA A 116 -3.67 19.02 12.59
N PRO A 117 -3.47 17.81 13.12
CA PRO A 117 -4.50 16.79 13.00
C PRO A 117 -5.76 17.11 13.78
N THR A 118 -6.84 16.42 13.44
CA THR A 118 -8.11 16.58 14.14
C THR A 118 -8.15 15.22 14.81
N VAL A 119 -8.13 15.21 16.13
CA VAL A 119 -8.08 13.96 16.88
C VAL A 119 -9.38 13.59 17.59
N SER A 120 -9.76 12.33 17.47
CA SER A 120 -10.97 11.84 18.11
C SER A 120 -10.67 10.46 18.71
N ILE A 121 -11.14 10.22 19.93
CA ILE A 121 -10.89 8.94 20.57
C ILE A 121 -12.23 8.25 20.82
N PHE A 122 -12.25 6.93 20.75
CA PHE A 122 -13.49 6.18 20.94
C PHE A 122 -13.29 4.97 21.85
N PRO A 123 -14.17 4.77 22.83
CA PRO A 123 -14.04 3.64 23.73
C PRO A 123 -14.52 2.38 23.06
N PRO A 124 -14.21 1.21 23.65
CA PRO A 124 -14.63 -0.06 23.08
C PRO A 124 -16.15 -0.07 23.02
N SER A 125 -16.71 -0.75 22.03
CA SER A 125 -18.16 -0.82 21.92
C SER A 125 -18.67 -1.95 22.79
N SER A 126 -19.96 -1.93 23.09
CA SER A 126 -20.58 -2.96 23.90
C SER A 126 -20.44 -4.29 23.18
N GLU A 127 -20.65 -4.29 21.87
CA GLU A 127 -20.55 -5.52 21.10
C GLU A 127 -19.20 -6.20 21.25
N GLN A 128 -18.12 -5.42 21.26
CA GLN A 128 -16.81 -6.03 21.39
C GLN A 128 -16.54 -6.51 22.81
N LEU A 129 -16.96 -5.72 23.79
CA LEU A 129 -16.76 -6.08 25.18
C LEU A 129 -17.42 -7.42 25.48
N THR A 130 -18.54 -7.67 24.81
CA THR A 130 -19.28 -8.90 25.00
C THR A 130 -18.45 -10.09 24.54
N SER A 131 -17.50 -9.83 23.65
CA SER A 131 -16.64 -10.89 23.11
C SER A 131 -15.38 -11.08 23.94
N GLY A 132 -15.17 -10.23 24.94
CA GLY A 132 -14.00 -10.36 25.79
C GLY A 132 -12.81 -9.54 25.35
N GLY A 133 -13.02 -8.72 24.33
CA GLY A 133 -11.94 -7.88 23.83
C GLY A 133 -12.31 -6.43 24.01
N ALA A 134 -11.32 -5.55 23.93
CA ALA A 134 -11.57 -4.13 24.10
C ALA A 134 -10.60 -3.31 23.27
N SER A 135 -11.12 -2.62 22.26
CA SER A 135 -10.26 -1.80 21.43
C SER A 135 -10.57 -0.33 21.60
N VAL A 136 -9.54 0.47 21.78
CA VAL A 136 -9.72 1.90 21.90
C VAL A 136 -9.15 2.40 20.60
N VAL A 137 -9.92 3.23 19.91
CA VAL A 137 -9.51 3.76 18.63
C VAL A 137 -9.35 5.26 18.64
N CYS A 138 -8.38 5.72 17.85
CA CYS A 138 -8.10 7.13 17.77
C CYS A 138 -7.79 7.52 16.33
N PHE A 139 -8.46 8.57 15.84
CA PHE A 139 -8.21 9.03 14.49
C PHE A 139 -7.51 10.38 14.52
N LEU A 140 -6.49 10.52 13.68
CA LEU A 140 -5.75 11.77 13.55
C LEU A 140 -5.97 12.11 12.08
N ASN A 141 -6.97 12.96 11.81
CA ASN A 141 -7.35 13.30 10.45
C ASN A 141 -6.94 14.66 9.86
N ASN A 142 -6.70 14.63 8.55
CA ASN A 142 -6.33 15.80 7.76
C ASN A 142 -5.27 16.70 8.37
N PHE A 143 -4.04 16.20 8.33
CA PHE A 143 -2.91 16.95 8.85
C PHE A 143 -1.83 16.97 7.77
N TYR A 144 -0.89 17.90 7.90
CA TYR A 144 0.21 17.98 6.94
C TYR A 144 1.38 18.71 7.59
N PRO A 145 2.62 18.25 7.33
CA PRO A 145 3.05 17.12 6.50
C PRO A 145 2.74 15.75 7.09
N LYS A 146 3.12 14.71 6.35
CA LYS A 146 2.88 13.31 6.68
C LYS A 146 3.41 12.77 8.02
N ASP A 147 4.60 13.19 8.42
CA ASP A 147 5.20 12.70 9.66
C ASP A 147 4.44 13.05 10.94
N ILE A 148 4.13 12.02 11.70
CA ILE A 148 3.38 12.19 12.93
C ILE A 148 3.63 11.00 13.84
N ASN A 149 3.50 11.20 15.15
CA ASN A 149 3.70 10.13 16.10
C ASN A 149 2.49 10.01 17.02
N VAL A 150 2.21 8.80 17.48
CA VAL A 150 1.09 8.55 18.37
C VAL A 150 1.55 7.79 19.62
N LYS A 151 1.14 8.28 20.78
CA LYS A 151 1.52 7.64 22.04
C LYS A 151 0.27 7.34 22.84
N TRP A 152 0.19 6.11 23.33
CA TRP A 152 -0.95 5.68 24.12
C TRP A 152 -0.67 5.66 25.60
N LYS A 153 -1.47 6.39 26.36
CA LYS A 153 -1.33 6.44 27.80
C LYS A 153 -2.54 5.79 28.45
N ILE A 154 -2.29 4.94 29.45
CA ILE A 154 -3.36 4.27 30.18
C ILE A 154 -3.26 4.72 31.64
N ASP A 155 -4.32 5.40 32.09
CA ASP A 155 -4.38 5.91 33.45
C ASP A 155 -3.36 6.99 33.74
N GLY A 156 -2.26 6.98 33.00
CA GLY A 156 -1.23 7.98 33.21
C GLY A 156 0.09 7.65 32.55
N SER A 157 0.38 6.36 32.37
CA SER A 157 1.63 5.96 31.75
C SER A 157 1.37 5.45 30.35
N GLU A 158 2.40 5.44 29.50
CA GLU A 158 2.23 4.98 28.14
C GLU A 158 2.22 3.46 27.99
N ARG A 159 1.60 3.00 26.90
CA ARG A 159 1.48 1.58 26.57
C ARG A 159 2.11 1.46 25.19
N GLN A 160 2.68 0.30 24.86
CA GLN A 160 3.31 0.14 23.54
C GLN A 160 2.95 -1.16 22.85
N ASN A 161 2.34 -2.09 23.58
CA ASN A 161 1.95 -3.37 23.00
C ASN A 161 0.46 -3.34 22.65
N GLY A 162 0.06 -4.13 21.66
CA GLY A 162 -1.33 -4.15 21.25
C GLY A 162 -1.79 -2.86 20.61
N VAL A 163 -0.85 -2.13 20.00
CA VAL A 163 -1.14 -0.88 19.32
C VAL A 163 -0.85 -1.05 17.83
N LEU A 164 -1.90 -1.04 17.01
CA LEU A 164 -1.73 -1.20 15.57
C LEU A 164 -2.07 0.11 14.85
N ASN A 165 -1.24 0.50 13.88
CA ASN A 165 -1.44 1.75 13.16
C ASN A 165 -1.60 1.67 11.65
N SER A 166 -2.35 2.62 11.10
CA SER A 166 -2.60 2.68 9.65
C SER A 166 -2.66 4.14 9.15
N TRP A 167 -2.10 4.37 7.96
CA TRP A 167 -2.06 5.71 7.38
C TRP A 167 -2.70 5.72 6.00
N THR A 168 -3.41 6.79 5.66
CA THR A 168 -4.03 6.89 4.34
C THR A 168 -3.02 7.48 3.38
N ASP A 169 -3.33 7.43 2.10
CA ASP A 169 -2.48 8.04 1.08
C ASP A 169 -2.87 9.52 1.12
N GLN A 170 -2.11 10.36 0.43
CA GLN A 170 -2.45 11.77 0.42
C GLN A 170 -3.85 11.92 -0.19
N ASP A 171 -4.66 12.79 0.41
CA ASP A 171 -6.02 13.06 -0.03
C ASP A 171 -5.99 13.89 -1.32
N SER A 172 -6.67 13.41 -2.36
CA SER A 172 -6.69 14.13 -3.65
C SER A 172 -7.46 15.45 -3.57
N LYS A 173 -8.35 15.55 -2.59
CA LYS A 173 -9.13 16.77 -2.45
C LYS A 173 -8.39 17.88 -1.72
N ASP A 174 -7.90 17.61 -0.50
CA ASP A 174 -7.21 18.63 0.27
C ASP A 174 -5.72 18.44 0.49
N SER A 175 -5.15 17.40 -0.09
CA SER A 175 -3.71 17.12 0.06
C SER A 175 -3.20 16.84 1.47
N THR A 176 -4.07 16.40 2.38
CA THR A 176 -3.62 16.08 3.73
C THR A 176 -3.48 14.57 3.95
N TYR A 177 -2.98 14.21 5.12
CA TYR A 177 -2.81 12.82 5.47
C TYR A 177 -3.63 12.52 6.70
N SER A 178 -3.96 11.24 6.88
CA SER A 178 -4.71 10.80 8.04
C SER A 178 -4.12 9.51 8.57
N MET A 179 -4.32 9.27 9.86
CA MET A 179 -3.81 8.07 10.50
C MET A 179 -4.83 7.52 11.47
N SER A 180 -4.78 6.22 11.69
CA SER A 180 -5.70 5.58 12.60
C SER A 180 -4.89 4.71 13.58
N SER A 181 -5.12 4.89 14.86
CA SER A 181 -4.39 4.13 15.86
C SER A 181 -5.35 3.35 16.74
N THR A 182 -5.10 2.05 16.84
CA THR A 182 -5.94 1.15 17.64
C THR A 182 -5.16 0.46 18.74
N LEU A 183 -5.66 0.57 19.96
CA LEU A 183 -5.03 -0.08 21.11
C LEU A 183 -5.98 -1.18 21.54
N THR A 184 -5.54 -2.42 21.45
CA THR A 184 -6.40 -3.53 21.84
C THR A 184 -5.96 -4.18 23.15
N LEU A 185 -6.94 -4.40 24.03
CA LEU A 185 -6.72 -4.98 25.34
C LEU A 185 -7.74 -6.07 25.58
N THR A 186 -7.51 -6.89 26.61
CA THR A 186 -8.49 -7.91 26.98
C THR A 186 -9.52 -7.08 27.76
N LYS A 187 -10.76 -7.54 27.83
CA LYS A 187 -11.76 -6.77 28.58
C LYS A 187 -11.36 -6.56 30.06
N ASP A 188 -10.75 -7.56 30.68
CA ASP A 188 -10.39 -7.43 32.08
C ASP A 188 -9.34 -6.36 32.33
N GLU A 189 -8.33 -6.31 31.47
CA GLU A 189 -7.31 -5.28 31.65
C GLU A 189 -7.94 -3.92 31.36
N TYR A 190 -8.88 -3.88 30.44
CA TYR A 190 -9.52 -2.62 30.12
C TYR A 190 -10.32 -2.11 31.32
N GLU A 191 -10.91 -3.03 32.08
CA GLU A 191 -11.71 -2.65 33.23
C GLU A 191 -10.95 -2.42 34.54
N ARG A 192 -9.62 -2.51 34.51
CA ARG A 192 -8.83 -2.26 35.70
C ARG A 192 -8.29 -0.83 35.67
N HIS A 193 -8.66 -0.09 34.64
CA HIS A 193 -8.17 1.27 34.47
C HIS A 193 -9.27 2.21 34.02
N ASN A 194 -9.03 3.52 34.15
CA ASN A 194 -10.05 4.49 33.82
C ASN A 194 -9.72 5.49 32.71
N SER A 195 -8.48 5.95 32.69
CA SER A 195 -8.05 6.94 31.71
C SER A 195 -7.39 6.35 30.46
N TYR A 196 -7.94 6.69 29.31
CA TYR A 196 -7.38 6.24 28.04
C TYR A 196 -7.04 7.48 27.25
N THR A 197 -5.76 7.68 27.02
CA THR A 197 -5.27 8.86 26.34
C THR A 197 -4.54 8.60 25.03
N CYS A 198 -4.89 9.42 24.05
CA CYS A 198 -4.31 9.37 22.72
C CYS A 198 -3.56 10.69 22.56
N GLU A 199 -2.25 10.63 22.33
CA GLU A 199 -1.48 11.86 22.17
C GLU A 199 -0.77 11.86 20.83
N ALA A 200 -0.97 12.93 20.08
CA ALA A 200 -0.38 13.08 18.76
C ALA A 200 0.62 14.21 18.67
N THR A 201 1.83 13.88 18.22
CA THR A 201 2.87 14.87 18.05
C THR A 201 3.08 15.06 16.57
N HIS A 202 2.93 16.29 16.11
CA HIS A 202 3.06 16.64 14.71
C HIS A 202 3.92 17.89 14.60
N LYS A 203 4.42 18.17 13.41
CA LYS A 203 5.26 19.34 13.19
C LYS A 203 4.61 20.66 13.57
N THR A 204 3.30 20.78 13.34
CA THR A 204 2.59 22.01 13.64
C THR A 204 2.80 22.53 15.05
N SER A 205 2.65 21.66 16.04
CA SER A 205 2.81 22.07 17.42
C SER A 205 3.80 21.22 18.22
N THR A 206 4.54 21.88 19.10
CA THR A 206 5.52 21.20 19.94
C THR A 206 4.77 20.57 21.11
N SER A 207 3.62 21.14 21.46
CA SER A 207 2.78 20.63 22.54
C SER A 207 1.76 19.66 21.97
N PRO A 208 1.95 18.35 22.23
CA PRO A 208 1.07 17.28 21.76
C PRO A 208 -0.43 17.53 21.91
N ILE A 209 -1.17 17.16 20.87
CA ILE A 209 -2.62 17.28 20.92
C ILE A 209 -2.98 16.09 21.80
N VAL A 210 -3.88 16.31 22.75
CA VAL A 210 -4.25 15.23 23.65
C VAL A 210 -5.73 14.97 23.68
N LYS A 211 -6.09 13.71 23.47
CA LYS A 211 -7.49 13.32 23.48
C LYS A 211 -7.64 12.11 24.40
N SER A 212 -8.65 12.14 25.26
CA SER A 212 -8.84 11.02 26.17
C SER A 212 -10.26 10.92 26.67
N PHE A 213 -10.57 9.78 27.26
CA PHE A 213 -11.89 9.57 27.84
C PHE A 213 -11.71 8.73 29.11
N ASN A 214 -12.57 8.96 30.08
CA ASN A 214 -12.51 8.24 31.35
C ASN A 214 -13.71 7.31 31.46
N ARG A 215 -13.49 6.10 31.96
CA ARG A 215 -14.60 5.17 32.13
C ARG A 215 -15.48 5.63 33.29
N GLY A 216 -16.66 5.04 33.39
CA GLY A 216 -17.57 5.41 34.46
C GLY A 216 -18.67 6.32 33.95
N GLU A 217 -18.52 6.77 32.71
CA GLU A 217 -19.50 7.66 32.08
C GLU A 217 -20.79 6.92 31.74
N ASP B 1 -2.57 -2.60 -29.35
CA ASP B 1 -2.87 -2.75 -27.91
C ASP B 1 -2.08 -3.91 -27.32
N VAL B 2 -0.78 -3.69 -27.14
CA VAL B 2 0.09 -4.70 -26.58
C VAL B 2 -0.21 -4.82 -25.10
N GLN B 3 -0.55 -6.02 -24.64
CA GLN B 3 -0.84 -6.19 -23.22
C GLN B 3 -0.55 -7.59 -22.68
N LEU B 4 -0.61 -7.69 -21.36
CA LEU B 4 -0.38 -8.94 -20.65
C LEU B 4 -1.43 -9.02 -19.55
N VAL B 5 -2.09 -10.16 -19.42
CA VAL B 5 -3.11 -10.31 -18.40
C VAL B 5 -2.85 -11.57 -17.60
N GLU B 6 -2.10 -11.46 -16.52
CA GLU B 6 -1.83 -12.65 -15.73
C GLU B 6 -3.03 -13.00 -14.89
N SER B 7 -3.16 -14.29 -14.60
CA SER B 7 -4.26 -14.83 -13.81
C SER B 7 -3.71 -16.06 -13.09
N GLY B 8 -4.49 -16.60 -12.16
CA GLY B 8 -4.06 -17.77 -11.43
C GLY B 8 -3.72 -17.52 -9.97
N GLY B 9 -3.81 -16.25 -9.56
CA GLY B 9 -3.51 -15.92 -8.18
C GLY B 9 -4.63 -16.30 -7.24
N GLY B 10 -4.33 -16.37 -5.95
CA GLY B 10 -5.35 -16.74 -4.97
C GLY B 10 -4.77 -17.12 -3.62
N LEU B 11 -5.53 -17.91 -2.86
CA LEU B 11 -5.09 -18.33 -1.53
C LEU B 11 -4.39 -19.68 -1.50
N VAL B 12 -3.31 -19.74 -0.72
CA VAL B 12 -2.56 -20.97 -0.57
C VAL B 12 -2.02 -21.18 0.85
N GLN B 13 -2.11 -22.41 1.33
CA GLN B 13 -1.63 -22.74 2.66
C GLN B 13 -0.11 -22.86 2.59
N PRO B 14 0.59 -22.52 3.68
CA PRO B 14 2.06 -22.61 3.67
C PRO B 14 2.51 -24.01 3.31
N GLY B 15 3.36 -24.12 2.29
CA GLY B 15 3.83 -25.42 1.85
C GLY B 15 3.08 -25.88 0.62
N GLY B 16 1.99 -25.17 0.31
CA GLY B 16 1.17 -25.51 -0.84
C GLY B 16 1.76 -25.08 -2.16
N SER B 17 1.03 -25.29 -3.25
CA SER B 17 1.49 -24.93 -4.59
C SER B 17 0.43 -24.18 -5.38
N ARG B 18 0.86 -23.45 -6.40
CA ARG B 18 -0.09 -22.71 -7.23
C ARG B 18 0.58 -22.32 -8.57
N LYS B 19 -0.19 -22.42 -9.65
CA LYS B 19 0.33 -22.12 -10.98
C LYS B 19 -0.17 -20.76 -11.47
N LEU B 20 0.73 -19.98 -12.04
CA LEU B 20 0.36 -18.67 -12.56
C LEU B 20 0.51 -18.65 -14.06
N SER B 21 -0.50 -18.11 -14.74
CA SER B 21 -0.50 -18.04 -16.19
C SER B 21 -0.54 -16.58 -16.63
N CYS B 22 0.20 -16.27 -17.70
CA CYS B 22 0.22 -14.91 -18.22
C CYS B 22 -0.21 -14.95 -19.68
N ALA B 23 -1.32 -14.27 -19.99
CA ALA B 23 -1.87 -14.26 -21.34
C ALA B 23 -1.49 -13.01 -22.14
N ALA B 24 -0.62 -13.20 -23.13
CA ALA B 24 -0.18 -12.10 -24.00
C ALA B 24 -1.18 -11.92 -25.13
N SER B 25 -1.05 -10.83 -25.89
CA SER B 25 -1.95 -10.55 -27.02
C SER B 25 -1.68 -9.23 -27.76
N GLY B 26 -0.80 -9.27 -28.76
CA GLY B 26 -0.50 -8.07 -29.52
C GLY B 26 0.97 -7.90 -29.89
N PHE B 27 1.67 -9.00 -30.11
CA PHE B 27 3.08 -8.94 -30.47
C PHE B 27 3.67 -10.34 -30.60
N THR B 28 4.73 -10.46 -31.40
CA THR B 28 5.40 -11.74 -31.60
C THR B 28 5.95 -12.29 -30.29
N PHE B 29 5.04 -12.78 -29.45
CA PHE B 29 5.37 -13.35 -28.14
C PHE B 29 6.58 -14.28 -28.19
N SER B 30 6.83 -14.86 -29.36
CA SER B 30 7.93 -15.79 -29.54
C SER B 30 9.29 -15.13 -29.75
N SER B 31 9.31 -13.81 -29.84
CA SER B 31 10.54 -13.06 -30.05
C SER B 31 11.05 -12.38 -28.76
N PHE B 32 10.12 -12.05 -27.88
CA PHE B 32 10.45 -11.38 -26.62
C PHE B 32 10.65 -12.29 -25.42
N GLY B 33 11.74 -12.04 -24.69
CA GLY B 33 12.01 -12.82 -23.50
C GLY B 33 10.99 -12.35 -22.49
N MET B 34 10.71 -13.17 -21.47
CA MET B 34 9.72 -12.78 -20.47
C MET B 34 10.23 -12.86 -19.05
N HIS B 35 9.60 -12.07 -18.18
CA HIS B 35 9.99 -12.01 -16.78
C HIS B 35 8.76 -12.09 -15.89
N TRP B 36 9.01 -12.45 -14.63
CA TRP B 36 7.98 -12.50 -13.61
C TRP B 36 8.55 -11.61 -12.49
N VAL B 37 7.77 -10.64 -12.03
CA VAL B 37 8.21 -9.75 -10.96
C VAL B 37 7.12 -9.63 -9.93
N ARG B 38 7.48 -9.70 -8.66
CA ARG B 38 6.49 -9.60 -7.60
C ARG B 38 6.69 -8.40 -6.71
N GLN B 39 5.65 -8.04 -5.97
CA GLN B 39 5.70 -6.89 -5.10
C GLN B 39 4.83 -7.19 -3.87
N ALA B 40 5.49 -7.32 -2.72
CA ALA B 40 4.77 -7.61 -1.49
C ALA B 40 4.05 -6.32 -1.08
N PRO B 41 2.90 -6.44 -0.42
CA PRO B 41 2.15 -5.26 0.02
C PRO B 41 3.03 -4.24 0.71
N GLU B 42 2.84 -2.97 0.35
CA GLU B 42 3.60 -1.88 0.94
C GLU B 42 5.08 -2.00 0.64
N LYS B 43 5.47 -3.13 0.05
CA LYS B 43 6.86 -3.39 -0.29
C LYS B 43 7.26 -2.86 -1.67
N GLY B 44 8.51 -3.14 -2.05
CA GLY B 44 9.02 -2.72 -3.33
C GLY B 44 8.88 -3.85 -4.34
N LEU B 45 9.54 -3.69 -5.47
CA LEU B 45 9.51 -4.68 -6.54
C LEU B 45 10.71 -5.62 -6.42
N GLU B 46 10.46 -6.92 -6.58
CA GLU B 46 11.51 -7.92 -6.51
C GLU B 46 11.42 -8.79 -7.75
N TRP B 47 12.48 -8.77 -8.55
CA TRP B 47 12.53 -9.57 -9.78
C TRP B 47 12.49 -11.02 -9.35
N VAL B 48 11.71 -11.83 -10.06
CA VAL B 48 11.58 -13.23 -9.70
C VAL B 48 12.31 -14.20 -10.62
N ALA B 49 12.08 -14.06 -11.92
CA ALA B 49 12.73 -14.94 -12.87
C ALA B 49 12.56 -14.44 -14.28
N TYR B 50 13.46 -14.89 -15.16
CA TYR B 50 13.47 -14.52 -16.58
C TYR B 50 13.54 -15.77 -17.45
N ILE B 51 12.86 -15.74 -18.59
CA ILE B 51 12.89 -16.86 -19.52
C ILE B 51 13.06 -16.35 -20.94
N SER B 52 13.98 -16.96 -21.68
CA SER B 52 14.24 -16.57 -23.06
C SER B 52 12.96 -16.69 -23.88
N SER B 53 12.93 -16.01 -25.03
CA SER B 53 11.77 -16.07 -25.91
C SER B 53 11.89 -17.40 -26.63
N ASP B 54 12.99 -18.08 -26.33
CA ASP B 54 13.33 -19.36 -26.92
C ASP B 54 13.54 -20.42 -25.82
N SER B 55 13.05 -20.12 -24.62
CA SER B 55 13.18 -21.03 -23.49
C SER B 55 14.62 -21.50 -23.34
N SER B 56 15.53 -20.76 -23.97
CA SER B 56 16.95 -21.08 -23.96
C SER B 56 17.53 -20.87 -22.56
N ASN B 57 17.40 -19.65 -22.04
CA ASN B 57 17.90 -19.34 -20.71
C ASN B 57 16.78 -19.01 -19.75
N ILE B 58 16.95 -19.42 -18.51
CA ILE B 58 15.98 -19.13 -17.46
C ILE B 58 16.77 -18.82 -16.20
N TYR B 59 16.52 -17.65 -15.63
CA TYR B 59 17.21 -17.23 -14.43
C TYR B 59 16.22 -17.00 -13.29
N TYR B 60 16.61 -17.42 -12.08
CA TYR B 60 15.76 -17.28 -10.91
C TYR B 60 16.43 -16.46 -9.82
N ALA B 61 15.62 -15.79 -9.02
CA ALA B 61 16.16 -15.03 -7.89
C ALA B 61 16.42 -16.13 -6.88
N ASP B 62 17.58 -16.10 -6.23
CA ASP B 62 17.91 -17.14 -5.26
C ASP B 62 16.77 -17.42 -4.28
N THR B 63 16.00 -16.38 -3.97
CA THR B 63 14.88 -16.48 -3.04
C THR B 63 13.81 -17.51 -3.41
N VAL B 64 13.78 -17.94 -4.66
CA VAL B 64 12.80 -18.91 -5.14
C VAL B 64 13.40 -20.05 -5.98
N LYS B 65 14.73 -20.02 -6.12
CA LYS B 65 15.47 -21.00 -6.91
C LYS B 65 14.89 -22.41 -6.96
N GLY B 66 15.01 -23.14 -5.85
CA GLY B 66 14.52 -24.51 -5.83
C GLY B 66 13.06 -24.72 -5.43
N ARG B 67 12.17 -23.85 -5.90
CA ARG B 67 10.75 -23.96 -5.56
C ARG B 67 9.83 -23.48 -6.70
N PHE B 68 10.31 -22.48 -7.44
CA PHE B 68 9.55 -21.89 -8.54
C PHE B 68 10.16 -22.26 -9.89
N THR B 69 9.32 -22.64 -10.85
CA THR B 69 9.82 -22.96 -12.18
C THR B 69 9.06 -22.12 -13.17
N ILE B 70 9.80 -21.44 -14.05
CA ILE B 70 9.20 -20.59 -15.05
C ILE B 70 9.14 -21.35 -16.37
N SER B 71 8.12 -21.08 -17.18
CA SER B 71 7.95 -21.75 -18.46
C SER B 71 7.15 -20.92 -19.46
N ARG B 72 7.31 -21.20 -20.74
CA ARG B 72 6.61 -20.47 -21.79
C ARG B 72 6.04 -21.35 -22.88
N ASP B 73 4.81 -21.04 -23.30
CA ASP B 73 4.18 -21.79 -24.37
C ASP B 73 3.97 -20.81 -25.54
N ASN B 74 4.98 -20.74 -26.39
CA ASN B 74 4.96 -19.86 -27.56
C ASN B 74 3.68 -19.94 -28.40
N PRO B 75 3.14 -21.15 -28.61
CA PRO B 75 1.93 -21.29 -29.41
C PRO B 75 0.68 -20.61 -28.83
N LYS B 76 0.22 -21.03 -27.66
CA LYS B 76 -0.96 -20.42 -27.06
C LYS B 76 -0.60 -19.05 -26.49
N ASN B 77 0.66 -18.66 -26.69
CA ASN B 77 1.20 -17.38 -26.23
C ASN B 77 0.90 -17.05 -24.77
N THR B 78 1.49 -17.83 -23.86
CA THR B 78 1.29 -17.63 -22.44
C THR B 78 2.56 -17.96 -21.65
N LEU B 79 2.75 -17.24 -20.55
CA LEU B 79 3.92 -17.45 -19.68
C LEU B 79 3.43 -18.04 -18.37
N PHE B 80 4.17 -18.99 -17.82
CA PHE B 80 3.78 -19.64 -16.57
C PHE B 80 4.83 -19.60 -15.46
N LEU B 81 4.36 -19.64 -14.23
CA LEU B 81 5.21 -19.69 -13.06
C LEU B 81 4.59 -20.73 -12.14
N GLN B 82 5.35 -21.80 -11.87
CA GLN B 82 4.90 -22.89 -11.01
C GLN B 82 5.45 -22.64 -9.62
N MET B 83 4.58 -22.51 -8.64
CA MET B 83 5.04 -22.26 -7.28
C MET B 83 4.80 -23.45 -6.36
N THR B 84 5.84 -23.85 -5.62
CA THR B 84 5.70 -24.94 -4.66
C THR B 84 6.37 -24.57 -3.34
N SER B 85 6.12 -25.36 -2.30
CA SER B 85 6.70 -25.08 -0.99
C SER B 85 6.61 -23.60 -0.71
N LEU B 86 5.44 -23.02 -0.95
CA LEU B 86 5.21 -21.60 -0.72
C LEU B 86 5.34 -21.24 0.76
N ARG B 87 5.85 -20.04 1.03
CA ARG B 87 6.00 -19.57 2.39
C ARG B 87 5.27 -18.24 2.60
N SER B 88 5.09 -17.88 3.85
CA SER B 88 4.40 -16.63 4.20
C SER B 88 4.96 -15.43 3.42
N GLU B 89 6.28 -15.38 3.29
CA GLU B 89 6.94 -14.28 2.60
C GLU B 89 6.76 -14.25 1.09
N ASP B 90 6.19 -15.30 0.51
CA ASP B 90 6.00 -15.30 -0.93
C ASP B 90 4.76 -14.49 -1.28
N THR B 91 4.11 -13.99 -0.24
CA THR B 91 2.91 -13.19 -0.40
C THR B 91 3.22 -11.91 -1.14
N ALA B 92 2.58 -11.71 -2.28
CA ALA B 92 2.82 -10.52 -3.08
C ALA B 92 1.95 -10.49 -4.29
N MET B 93 1.98 -9.36 -4.98
CA MET B 93 1.23 -9.18 -6.22
C MET B 93 2.23 -9.67 -7.26
N TYR B 94 1.83 -10.58 -8.14
CA TYR B 94 2.76 -11.08 -9.16
C TYR B 94 2.54 -10.46 -10.55
N TYR B 95 3.60 -9.85 -11.07
CA TYR B 95 3.56 -9.18 -12.36
C TYR B 95 4.20 -9.99 -13.47
N CYS B 96 3.64 -9.83 -14.66
CA CYS B 96 4.13 -10.48 -15.85
C CYS B 96 4.80 -9.34 -16.62
N ALA B 97 6.03 -9.55 -17.08
CA ALA B 97 6.71 -8.48 -17.80
C ALA B 97 7.59 -8.90 -18.95
N ARG B 98 7.38 -8.23 -20.09
CA ARG B 98 8.15 -8.47 -21.31
C ARG B 98 9.47 -7.73 -21.25
N SER B 99 10.53 -8.40 -21.65
CA SER B 99 11.85 -7.80 -21.67
C SER B 99 11.95 -7.13 -23.05
N ASN B 100 13.02 -6.38 -23.31
CA ASN B 100 13.17 -5.74 -24.60
C ASN B 100 14.58 -5.21 -24.83
N TYR B 101 14.98 -5.15 -26.11
CA TYR B 101 16.31 -4.72 -26.50
C TYR B 101 16.35 -3.40 -27.25
N VAL B 102 17.16 -2.47 -26.75
CA VAL B 102 17.33 -1.16 -27.37
C VAL B 102 18.53 -1.17 -28.30
N GLY B 103 19.64 -1.74 -27.81
CA GLY B 103 20.85 -1.83 -28.61
C GLY B 103 20.94 -3.24 -29.16
N TYR B 104 20.72 -4.19 -28.26
CA TYR B 104 20.73 -5.61 -28.58
C TYR B 104 20.28 -6.38 -27.33
N HIS B 105 20.70 -7.63 -27.17
CA HIS B 105 20.24 -8.41 -26.02
C HIS B 105 20.59 -7.94 -24.61
N VAL B 106 21.85 -8.09 -24.19
CA VAL B 106 22.27 -7.71 -22.84
C VAL B 106 21.73 -6.36 -22.33
N ARG B 107 21.49 -5.44 -23.26
CA ARG B 107 21.00 -4.10 -22.92
C ARG B 107 19.49 -4.10 -22.89
N TRP B 108 18.92 -4.93 -22.02
CA TRP B 108 17.46 -5.07 -21.94
C TRP B 108 16.77 -4.24 -20.86
N TYR B 109 15.44 -4.23 -20.95
CA TYR B 109 14.61 -3.51 -19.99
C TYR B 109 13.14 -3.98 -20.02
N PHE B 110 12.47 -3.88 -18.89
CA PHE B 110 11.07 -4.29 -18.80
C PHE B 110 10.22 -3.34 -19.62
N ASP B 111 9.68 -3.86 -20.71
CA ASP B 111 8.88 -3.10 -21.65
C ASP B 111 7.42 -2.95 -21.23
N VAL B 112 6.75 -4.07 -20.99
CA VAL B 112 5.33 -4.04 -20.63
C VAL B 112 5.00 -4.82 -19.36
N TRP B 113 3.98 -4.35 -18.65
CA TRP B 113 3.54 -4.96 -17.40
C TRP B 113 2.05 -5.26 -17.40
N GLY B 114 1.69 -6.42 -16.87
CA GLY B 114 0.29 -6.78 -16.77
C GLY B 114 -0.30 -6.15 -15.52
N ALA B 115 -1.59 -6.38 -15.26
CA ALA B 115 -2.25 -5.83 -14.06
C ALA B 115 -1.94 -6.69 -12.84
N GLY B 116 -1.35 -7.86 -13.08
CA GLY B 116 -0.98 -8.76 -12.00
C GLY B 116 -2.13 -9.44 -11.27
N THR B 117 -1.81 -10.53 -10.59
CA THR B 117 -2.77 -11.28 -9.79
C THR B 117 -2.14 -11.48 -8.42
N THR B 118 -2.97 -11.40 -7.39
CA THR B 118 -2.50 -11.56 -6.03
C THR B 118 -2.28 -13.01 -5.64
N VAL B 119 -1.35 -13.24 -4.72
CA VAL B 119 -1.07 -14.56 -4.21
C VAL B 119 -0.80 -14.40 -2.73
N THR B 120 -1.67 -14.99 -1.92
CA THR B 120 -1.51 -14.90 -0.48
C THR B 120 -1.24 -16.27 0.12
N VAL B 121 -0.11 -16.39 0.80
CA VAL B 121 0.25 -17.63 1.44
C VAL B 121 -0.09 -17.51 2.91
N SER B 122 -1.09 -18.26 3.37
CA SER B 122 -1.51 -18.18 4.76
C SER B 122 -2.17 -19.47 5.24
N SER B 123 -2.20 -19.65 6.55
CA SER B 123 -2.83 -20.85 7.13
C SER B 123 -4.18 -20.46 7.69
N ALA B 124 -4.51 -19.17 7.58
CA ALA B 124 -5.78 -18.64 8.07
C ALA B 124 -6.95 -19.17 7.27
N LYS B 125 -8.09 -19.33 7.92
CA LYS B 125 -9.28 -19.79 7.24
C LYS B 125 -10.22 -18.61 7.09
N THR B 126 -10.94 -18.57 5.97
CA THR B 126 -11.88 -17.50 5.68
C THR B 126 -12.64 -17.13 6.96
N THR B 127 -12.68 -15.84 7.26
CA THR B 127 -13.30 -15.37 8.50
C THR B 127 -14.01 -14.03 8.35
N PRO B 128 -15.33 -13.98 8.55
CA PRO B 128 -16.02 -12.69 8.42
C PRO B 128 -15.51 -11.73 9.49
N PRO B 129 -15.61 -10.44 9.23
CA PRO B 129 -15.13 -9.45 10.21
C PRO B 129 -16.16 -9.17 11.30
N SER B 130 -15.71 -8.56 12.39
CA SER B 130 -16.57 -8.13 13.47
C SER B 130 -16.62 -6.64 13.21
N VAL B 131 -17.82 -6.08 13.14
CA VAL B 131 -17.96 -4.65 12.89
C VAL B 131 -18.40 -4.00 14.17
N TYR B 132 -17.54 -3.16 14.74
CA TYR B 132 -17.91 -2.47 15.98
C TYR B 132 -18.12 -0.99 15.74
N PRO B 133 -19.24 -0.44 16.23
CA PRO B 133 -19.58 0.98 16.08
C PRO B 133 -18.66 1.82 16.94
N LEU B 134 -18.19 2.94 16.41
CA LEU B 134 -17.32 3.83 17.17
C LEU B 134 -18.08 5.12 17.42
N ALA B 135 -18.60 5.29 18.63
CA ALA B 135 -19.36 6.49 18.96
C ALA B 135 -18.77 7.24 20.13
N PRO B 136 -18.80 8.57 20.07
CA PRO B 136 -18.28 9.42 21.14
C PRO B 136 -19.29 9.44 22.29
N GLY B 137 -19.00 10.25 23.31
CA GLY B 137 -19.89 10.34 24.46
C GLY B 137 -20.79 11.56 24.41
N SER B 138 -21.85 11.53 25.24
CA SER B 138 -22.83 12.61 25.32
C SER B 138 -22.19 14.01 25.29
N ALA B 139 -21.66 14.44 26.43
CA ALA B 139 -21.03 15.76 26.52
C ALA B 139 -19.69 15.80 25.77
N ALA B 140 -18.92 14.73 25.87
CA ALA B 140 -17.62 14.62 25.22
C ALA B 140 -17.73 14.67 23.70
N GLN B 141 -18.64 15.52 23.20
CA GLN B 141 -18.86 15.66 21.76
C GLN B 141 -18.23 16.95 21.23
N THR B 142 -18.68 18.10 21.74
CA THR B 142 -18.18 19.42 21.37
C THR B 142 -18.09 19.70 19.85
N ASN B 143 -17.93 20.98 19.52
CA ASN B 143 -17.82 21.45 18.15
C ASN B 143 -19.11 21.29 17.36
N SER B 144 -19.11 21.81 16.13
CA SER B 144 -20.24 21.76 15.23
C SER B 144 -20.15 20.52 14.34
N MET B 145 -18.95 19.95 14.25
CA MET B 145 -18.71 18.74 13.47
C MET B 145 -18.49 17.58 14.44
N VAL B 146 -18.98 16.41 14.10
CA VAL B 146 -18.79 15.24 14.94
C VAL B 146 -18.18 14.11 14.09
N THR B 147 -17.24 13.38 14.68
CA THR B 147 -16.59 12.28 13.98
C THR B 147 -17.05 10.96 14.58
N LEU B 148 -17.45 10.04 13.71
CA LEU B 148 -17.92 8.71 14.12
C LEU B 148 -17.09 7.74 13.30
N GLY B 149 -17.17 6.45 13.60
CA GLY B 149 -16.41 5.48 12.82
C GLY B 149 -16.76 4.03 13.03
N CYS B 150 -16.09 3.14 12.29
CA CYS B 150 -16.30 1.70 12.40
C CYS B 150 -14.97 0.98 12.45
N LEU B 151 -14.92 -0.05 13.30
CA LEU B 151 -13.74 -0.90 13.48
C LEU B 151 -14.11 -2.25 12.89
N VAL B 152 -13.48 -2.60 11.77
CA VAL B 152 -13.74 -3.85 11.07
C VAL B 152 -12.61 -4.77 11.49
N LYS B 153 -12.91 -5.71 12.38
CA LYS B 153 -11.86 -6.55 12.94
C LYS B 153 -11.82 -8.05 12.75
N GLY B 154 -10.58 -8.54 12.68
CA GLY B 154 -10.29 -9.96 12.57
C GLY B 154 -10.88 -10.71 11.42
N TYR B 155 -10.68 -10.23 10.19
CA TYR B 155 -11.24 -10.93 9.04
C TYR B 155 -10.13 -11.49 8.16
N PHE B 156 -10.52 -12.37 7.25
CA PHE B 156 -9.60 -13.01 6.32
C PHE B 156 -10.42 -13.69 5.24
N PRO B 157 -10.03 -13.54 3.97
CA PRO B 157 -8.87 -12.75 3.55
C PRO B 157 -9.29 -11.37 3.10
N GLU B 158 -8.32 -10.61 2.62
CA GLU B 158 -8.59 -9.26 2.12
C GLU B 158 -9.34 -9.54 0.80
N PRO B 159 -10.15 -8.59 0.30
CA PRO B 159 -10.53 -7.26 0.75
C PRO B 159 -11.85 -7.15 1.50
N VAL B 160 -12.13 -5.92 1.88
CA VAL B 160 -13.32 -5.55 2.59
C VAL B 160 -13.64 -4.15 2.08
N THR B 161 -14.91 -3.86 1.85
CA THR B 161 -15.27 -2.51 1.42
C THR B 161 -16.08 -1.86 2.54
N VAL B 162 -16.06 -0.53 2.59
CA VAL B 162 -16.78 0.20 3.59
C VAL B 162 -17.39 1.44 2.96
N THR B 163 -18.65 1.70 3.26
CA THR B 163 -19.30 2.91 2.78
C THR B 163 -20.10 3.41 3.97
N TRP B 164 -20.47 4.68 3.91
CA TRP B 164 -21.26 5.27 4.97
C TRP B 164 -22.61 5.64 4.36
N ASN B 165 -23.68 5.10 4.95
CA ASN B 165 -25.03 5.34 4.44
C ASN B 165 -25.08 4.99 2.97
N SER B 166 -24.49 3.85 2.67
CA SER B 166 -24.44 3.32 1.32
C SER B 166 -23.87 4.31 0.32
N GLY B 167 -23.08 5.27 0.79
CA GLY B 167 -22.49 6.23 -0.13
C GLY B 167 -22.97 7.67 -0.08
N SER B 168 -24.10 7.92 0.58
CA SER B 168 -24.64 9.27 0.68
C SER B 168 -23.60 10.20 1.31
N LEU B 169 -22.75 9.62 2.15
CA LEU B 169 -21.67 10.35 2.81
C LEU B 169 -20.35 9.90 2.18
N SER B 170 -19.79 10.70 1.28
CA SER B 170 -18.53 10.34 0.64
C SER B 170 -17.45 11.31 1.08
N SER B 171 -17.83 12.57 1.26
CA SER B 171 -16.88 13.59 1.70
C SER B 171 -16.66 13.46 3.21
N GLY B 172 -15.44 13.73 3.63
CA GLY B 172 -15.12 13.65 5.05
C GLY B 172 -15.04 12.24 5.58
N VAL B 173 -14.81 11.30 4.67
CA VAL B 173 -14.67 9.90 5.04
C VAL B 173 -13.19 9.51 4.95
N HIS B 174 -12.79 8.56 5.78
CA HIS B 174 -11.42 8.06 5.76
C HIS B 174 -11.47 6.60 6.15
N THR B 175 -11.17 5.68 5.24
CA THR B 175 -11.14 4.31 5.66
C THR B 175 -9.72 3.92 5.38
N PHE B 176 -9.06 3.46 6.44
CA PHE B 176 -7.67 3.11 6.43
C PHE B 176 -7.33 1.73 5.92
N PRO B 177 -6.13 1.57 5.35
CA PRO B 177 -5.73 0.26 4.84
C PRO B 177 -5.65 -0.73 5.98
N ALA B 178 -5.96 -1.98 5.69
CA ALA B 178 -5.94 -3.03 6.70
C ALA B 178 -4.53 -3.30 7.20
N VAL B 179 -4.43 -3.81 8.42
CA VAL B 179 -3.14 -4.18 8.99
C VAL B 179 -3.27 -5.65 9.38
N LEU B 180 -2.26 -6.44 9.03
CA LEU B 180 -2.27 -7.87 9.31
C LEU B 180 -1.67 -8.30 10.65
N GLN B 181 -2.48 -8.26 11.71
CA GLN B 181 -2.03 -8.68 13.03
C GLN B 181 -2.28 -10.18 13.14
N SER B 182 -1.26 -10.93 13.55
CA SER B 182 -1.38 -12.38 13.64
C SER B 182 -1.57 -12.86 12.20
N ASP B 183 -2.71 -13.50 11.92
CA ASP B 183 -2.97 -13.97 10.56
C ASP B 183 -4.33 -13.49 10.09
N LEU B 184 -4.83 -12.46 10.76
CA LEU B 184 -6.12 -11.85 10.46
C LEU B 184 -5.93 -10.37 10.12
N TYR B 185 -6.86 -9.83 9.33
CA TYR B 185 -6.79 -8.43 8.96
C TYR B 185 -7.71 -7.54 9.80
N THR B 186 -7.28 -6.31 10.01
CA THR B 186 -8.08 -5.37 10.75
C THR B 186 -8.00 -3.99 10.09
N LEU B 187 -9.14 -3.31 10.04
CA LEU B 187 -9.16 -2.01 9.39
C LEU B 187 -10.19 -1.13 10.09
N SER B 188 -10.17 0.16 9.80
CA SER B 188 -11.15 1.07 10.41
C SER B 188 -11.56 2.15 9.43
N SER B 189 -12.66 2.82 9.74
CA SER B 189 -13.14 3.90 8.90
C SER B 189 -13.77 4.97 9.76
N SER B 190 -13.56 6.22 9.40
CA SER B 190 -14.17 7.33 10.13
C SER B 190 -14.94 8.21 9.15
N VAL B 191 -15.94 8.92 9.67
CA VAL B 191 -16.74 9.82 8.85
C VAL B 191 -17.08 11.02 9.69
N THR B 192 -16.83 12.21 9.17
CA THR B 192 -17.14 13.42 9.91
C THR B 192 -18.37 14.12 9.34
N VAL B 193 -19.34 14.40 10.20
CA VAL B 193 -20.59 15.06 9.81
C VAL B 193 -20.99 16.15 10.83
N PRO B 194 -21.99 16.99 10.48
CA PRO B 194 -22.41 18.05 11.42
C PRO B 194 -23.15 17.48 12.63
N SER B 195 -22.90 18.08 13.79
CA SER B 195 -23.52 17.65 15.03
C SER B 195 -25.04 17.69 14.96
N SER B 196 -25.57 18.65 14.22
CA SER B 196 -27.03 18.77 14.10
C SER B 196 -27.60 17.62 13.29
N THR B 197 -26.74 16.68 12.90
CA THR B 197 -27.18 15.58 12.08
C THR B 197 -27.13 14.18 12.63
N TRP B 198 -26.15 13.87 13.47
CA TRP B 198 -26.07 12.50 13.92
C TRP B 198 -27.10 11.99 14.91
N PRO B 199 -26.84 12.11 16.22
CA PRO B 199 -27.91 11.56 17.04
C PRO B 199 -29.29 11.67 16.37
N SER B 200 -29.66 12.87 15.91
CA SER B 200 -30.97 13.08 15.28
C SER B 200 -31.27 12.23 14.04
N GLU B 201 -30.30 12.09 13.13
CA GLU B 201 -30.51 11.26 11.92
C GLU B 201 -29.59 10.05 11.96
N THR B 202 -29.90 9.01 11.20
CA THR B 202 -29.04 7.84 11.25
C THR B 202 -27.76 7.95 10.43
N VAL B 203 -26.73 7.26 10.92
CA VAL B 203 -25.40 7.18 10.32
C VAL B 203 -25.03 5.71 10.43
N THR B 204 -24.84 5.07 9.29
CA THR B 204 -24.55 3.65 9.23
C THR B 204 -23.33 3.34 8.41
N CYS B 205 -22.53 2.38 8.86
CA CYS B 205 -21.39 2.00 8.07
C CYS B 205 -21.74 0.65 7.45
N ASN B 206 -21.54 0.55 6.14
CA ASN B 206 -21.85 -0.68 5.43
C ASN B 206 -20.53 -1.38 5.13
N VAL B 207 -20.38 -2.59 5.63
CA VAL B 207 -19.17 -3.35 5.46
C VAL B 207 -19.46 -4.58 4.61
N ALA B 208 -18.62 -4.82 3.62
CA ALA B 208 -18.80 -5.95 2.73
C ALA B 208 -17.54 -6.81 2.70
N HIS B 209 -17.72 -8.11 2.89
CA HIS B 209 -16.61 -9.05 2.87
C HIS B 209 -17.05 -10.24 2.02
N PRO B 210 -16.88 -10.14 0.70
CA PRO B 210 -17.25 -11.18 -0.25
C PRO B 210 -16.75 -12.61 0.01
N ALA B 211 -15.49 -12.76 0.40
CA ALA B 211 -14.95 -14.10 0.63
C ALA B 211 -15.82 -14.93 1.57
N SER B 212 -16.55 -14.26 2.46
CA SER B 212 -17.42 -14.93 3.41
C SER B 212 -18.86 -14.57 3.15
N SER B 213 -19.09 -13.89 2.03
CA SER B 213 -20.44 -13.47 1.66
C SER B 213 -21.11 -12.70 2.79
N THR B 214 -20.37 -11.76 3.38
CA THR B 214 -20.86 -10.97 4.48
C THR B 214 -21.16 -9.50 4.12
N LYS B 215 -22.35 -9.06 4.49
CA LYS B 215 -22.77 -7.67 4.30
C LYS B 215 -23.40 -7.24 5.62
N VAL B 216 -22.71 -6.36 6.32
CA VAL B 216 -23.16 -5.87 7.61
C VAL B 216 -23.40 -4.37 7.59
N ASP B 217 -24.54 -3.96 8.09
CA ASP B 217 -24.88 -2.54 8.16
C ASP B 217 -24.88 -2.16 9.64
N LYS B 218 -23.78 -1.59 10.12
CA LYS B 218 -23.73 -1.22 11.52
C LYS B 218 -24.11 0.24 11.78
N LYS B 219 -25.28 0.39 12.39
CA LYS B 219 -25.83 1.70 12.74
C LYS B 219 -25.04 2.26 13.93
N ILE B 220 -24.61 3.52 13.84
CA ILE B 220 -23.87 4.12 14.93
C ILE B 220 -24.86 4.77 15.88
N VAL B 221 -25.12 4.12 17.01
CA VAL B 221 -26.07 4.64 18.00
C VAL B 221 -25.33 5.31 19.18
N PRO B 222 -25.97 6.31 19.83
CA PRO B 222 -25.32 6.96 20.96
C PRO B 222 -25.13 6.03 22.16
N ARG B 223 -24.17 6.35 23.01
CA ARG B 223 -23.89 5.54 24.20
C ARG B 223 -24.68 6.12 25.36
N ASP B 224 -25.34 5.26 26.13
CA ASP B 224 -26.15 5.73 27.26
C ASP B 224 -25.28 6.30 28.39
#